data_7SB8
#
_entry.id   7SB8
#
_cell.length_a   19.677
_cell.length_b   30.422
_cell.length_c   180.822
_cell.angle_alpha   90.000
_cell.angle_beta   90.410
_cell.angle_gamma   90.000
#
_symmetry.space_group_name_H-M   'P 1 21 1'
#
loop_
_entity.id
_entity.type
_entity.pdbx_description
1 polymer GA(CGA)5
2 non-polymer 'STRONTIUM ION'
3 non-polymer 'SODIUM ION'
4 non-polymer 'COBALT HEXAMMINE(III)'
5 water water
#
_entity_poly.entity_id   1
_entity_poly.type   'polydeoxyribonucleotide'
_entity_poly.pdbx_seq_one_letter_code
;(DG)(DA)(DC)(DG)(DA)(DC)(DG)(DA)(DC)(DG)(DA)(DC)(DG)(DA)(DC)(DG)(DA)
;
_entity_poly.pdbx_strand_id   A,B,D,E,F,C
#
loop_
_chem_comp.id
_chem_comp.type
_chem_comp.name
_chem_comp.formula
DA DNA linking 2'-DEOXYADENOSINE-5'-MONOPHOSPHATE 'C10 H14 N5 O6 P'
DC DNA linking 2'-DEOXYCYTIDINE-5'-MONOPHOSPHATE 'C9 H14 N3 O7 P'
DG DNA linking 2'-DEOXYGUANOSINE-5'-MONOPHOSPHATE 'C10 H14 N5 O7 P'
NA non-polymer 'SODIUM ION' 'Na 1'
NCO non-polymer 'COBALT HEXAMMINE(III)' 'Co H18 N6 3'
SR non-polymer 'STRONTIUM ION' 'Sr 2'
#
# COMPACT_ATOMS: atom_id res chain seq x y z
SR SR G . 30.18 -6.46 -55.55
SR SR G . 31.69 -5.40 -56.99
SR SR G . 30.43 -7.00 -55.39
SR SR H . 53.58 -5.62 -64.40
SR SR H . 53.93 -5.10 -64.15
SR SR I . 13.63 2.46 -35.64
SR SR J . 23.18 -9.64 -36.15
SR SR K . 40.69 -6.00 -66.12
NA NA L . 42.83 -7.99 -61.40
CO NCO M . 40.69 4.33 -46.86
CO NCO M . 41.33 2.98 -46.50
N1 NCO M . 42.58 4.81 -47.27
N1 NCO M . 43.13 2.20 -46.18
N2 NCO M . 38.82 3.85 -46.46
N2 NCO M . 39.54 3.77 -46.82
N3 NCO M . 40.21 4.46 -48.78
N3 NCO M . 41.42 2.40 -48.39
N4 NCO M . 40.26 6.25 -46.61
N4 NCO M . 42.18 4.70 -46.98
N5 NCO M . 41.15 4.23 -44.94
N5 NCO M . 41.25 3.55 -44.60
N6 NCO M . 41.15 2.42 -47.10
N6 NCO M . 40.46 1.26 -46.02
HN11 NCO M . 43.12 3.94 -47.47
HN11 NCO M . 43.03 1.23 -45.84
HN12 NCO M . 42.61 5.43 -48.10
HN12 NCO M . 43.67 2.22 -47.07
HN13 NCO M . 42.99 5.29 -46.45
HN13 NCO M . 43.62 2.76 -45.46
HN21 NCO M . 38.72 2.82 -46.47
HN21 NCO M . 38.81 3.05 -46.64
HN22 NCO M . 38.58 4.20 -45.51
HN22 NCO M . 39.40 4.58 -46.18
HN23 NCO M . 38.20 4.27 -47.16
HN23 NCO M . 39.48 4.09 -47.80
HN31 NCO M . 40.53 3.60 -49.28
HN31 NCO M . 41.05 1.43 -48.48
HN32 NCO M . 39.18 4.55 -48.86
HN32 NCO M . 40.84 3.05 -48.97
HN33 NCO M . 40.67 5.29 -49.20
HN33 NCO M . 42.41 2.44 -48.72
HN41 NCO M . 40.48 6.52 -45.64
HN41 NCO M . 41.50 5.29 -47.50
HN42 NCO M . 40.82 6.83 -47.27
HN42 NCO M . 42.47 5.20 -46.12
HN43 NCO M . 39.25 6.40 -46.79
HN43 NCO M . 43.01 4.52 -47.58
HN51 NCO M . 41.49 3.27 -44.72
HN51 NCO M . 40.82 2.79 -44.03
HN52 NCO M . 41.89 4.92 -44.72
HN52 NCO M . 42.22 3.74 -44.26
HN53 NCO M . 40.30 4.43 -44.37
HN53 NCO M . 40.69 4.41 -44.52
HN61 NCO M . 41.58 2.27 -48.03
HN61 NCO M . 40.54 0.59 -46.82
HN62 NCO M . 41.81 2.12 -46.35
HN62 NCO M . 40.93 0.85 -45.19
HN63 NCO M . 40.28 1.85 -47.04
HN63 NCO M . 39.45 1.42 -45.80
CO NCO N . 22.22 1.63 -22.10
CO NCO N . 23.01 0.34 -22.68
N1 NCO N . 22.37 0.93 -23.95
N1 NCO N . 21.86 0.36 -24.28
N2 NCO N . 22.06 2.33 -20.26
N2 NCO N . 24.20 0.34 -21.09
N3 NCO N . 20.52 2.51 -22.57
N3 NCO N . 21.43 0.63 -21.52
N4 NCO N . 23.24 3.24 -22.65
N4 NCO N . 23.26 2.30 -22.83
N5 NCO N . 23.97 0.79 -21.61
N5 NCO N . 24.60 0.07 -23.83
N6 NCO N . 21.25 -0.03 -21.57
N6 NCO N . 22.79 -1.62 -22.52
HN11 NCO N . 22.17 -0.09 -23.95
HN11 NCO N . 21.78 -0.60 -24.67
HN12 NCO N . 21.70 1.42 -24.56
HN12 NCO N . 20.91 0.70 -24.02
HN13 NCO N . 23.34 1.09 -24.31
HN13 NCO N . 22.26 0.99 -24.99
HN21 NCO N . 21.60 1.63 -19.65
HN21 NCO N . 24.29 -0.63 -20.73
HN22 NCO N . 23.01 2.55 -19.88
HN22 NCO N . 25.14 0.71 -21.35
HN23 NCO N . 21.48 3.21 -20.26
HN23 NCO N . 23.79 0.94 -20.35
HN31 NCO N . 19.72 1.89 -22.30
HN31 NCO N . 21.03 -0.29 -21.24
HN32 NCO N . 20.44 3.42 -22.08
HN32 NCO N . 21.71 1.16 -20.67
HN33 NCO N . 20.49 2.67 -23.60
HN33 NCO N . 20.71 1.17 -22.05
HN41 NCO N . 24.15 2.96 -23.07
HN41 NCO N . 24.17 2.58 -22.42
HN42 NCO N . 22.69 3.79 -23.34
HN42 NCO N . 23.22 2.58 -23.83
HN43 NCO N . 23.42 3.84 -21.81
HN43 NCO N . 22.49 2.79 -22.32
HN51 NCO N . 23.81 -0.18 -21.28
HN51 NCO N . 24.80 -0.96 -23.91
HN52 NCO N . 24.60 0.79 -22.44
HN52 NCO N . 24.41 0.45 -24.78
HN53 NCO N . 24.41 1.35 -20.84
HN53 NCO N . 25.42 0.55 -23.42
HN61 NCO N . 21.52 -0.80 -22.20
HN61 NCO N . 22.40 -2.00 -23.41
HN62 NCO N . 21.51 -0.27 -20.60
HN62 NCO N . 23.71 -2.06 -22.33
HN63 NCO N . 20.23 0.14 -21.63
HN63 NCO N . 22.14 -1.83 -21.74
SR SR O . -1.17 -11.24 -5.83
SR SR P . -11.89 6.67 7.93
CO NCO Q . -21.73 -1.46 7.23
CO NCO Q . -21.08 -0.32 7.70
N1 NCO Q . -19.80 -1.12 7.52
N1 NCO Q . -19.34 -1.12 7.16
N2 NCO Q . -23.66 -1.81 6.92
N2 NCO Q . -22.79 0.50 8.23
N3 NCO Q . -21.56 -0.93 5.32
N3 NCO Q . -21.84 -0.79 5.94
N4 NCO Q . -22.14 0.43 7.69
N4 NCO Q . -20.48 1.42 6.96
N5 NCO Q . -21.92 -1.99 9.13
N5 NCO Q . -20.30 0.18 9.46
N6 NCO Q . -21.31 -3.34 6.78
N6 NCO Q . -21.66 -2.06 8.43
HN11 NCO Q . -19.27 -1.97 7.30
HN11 NCO Q . -19.36 -2.14 7.38
HN12 NCO Q . -19.50 -0.35 6.90
HN12 NCO Q . -19.20 -0.99 6.14
HN13 NCO Q . -19.65 -0.85 8.52
HN13 NCO Q . -18.57 -0.66 7.69
HN21 NCO Q . -23.81 -2.82 6.75
HN21 NCO Q . -23.39 -0.21 8.70
HN22 NCO Q . -24.20 -1.50 7.75
HN22 NCO Q . -22.62 1.29 8.87
HN23 NCO Q . -23.99 -1.27 6.08
HN23 NCO Q . -23.29 0.84 7.38
HN31 NCO Q . -21.42 -1.77 4.74
HN31 NCO Q . -22.24 -1.74 5.98
HN32 NCO Q . -22.42 -0.44 5.02
HN32 NCO Q . -22.58 -0.11 5.69
HN33 NCO Q . -20.74 -0.28 5.22
HN33 NCO Q . -21.09 -0.77 5.22
HN41 NCO Q . -21.37 0.81 8.26
HN41 NCO Q . -20.10 1.28 6.00
HN42 NCO Q . -22.23 0.98 6.81
HN42 NCO Q . -21.29 2.08 6.93
HN43 NCO Q . -23.03 0.47 8.22
HN43 NCO Q . -19.73 1.83 7.56
HN51 NCO Q . -21.72 -2.99 9.23
HN51 NCO Q . -20.52 -0.57 10.15
HN52 NCO Q . -21.26 -1.43 9.70
HN52 NCO Q . -19.28 0.28 9.38
HN53 NCO Q . -22.89 -1.79 9.43
HN53 NCO Q . -20.72 1.07 9.78
HN61 NCO Q . -20.97 -3.40 5.79
HN61 NCO Q . -21.39 -2.82 7.77
HN62 NCO Q . -20.55 -3.68 7.41
HN62 NCO Q . -21.21 -2.23 9.35
HN63 NCO Q . -22.15 -3.93 6.89
HN63 NCO Q . -22.70 -2.06 8.55
CO NCO R . 16.87 1.18 -15.60
N1 NCO R . 18.79 0.68 -15.49
N2 NCO R . 14.95 1.67 -15.72
N3 NCO R . 16.87 0.91 -17.57
N4 NCO R . 17.40 3.08 -15.86
N5 NCO R . 16.86 1.48 -13.63
N6 NCO R . 16.35 -0.72 -15.32
HN11 NCO R . 18.87 -0.33 -15.23
HN12 NCO R . 19.24 0.82 -16.41
HN13 NCO R . 19.26 1.26 -14.77
HN21 NCO R . 14.37 0.81 -15.67
HN22 NCO R . 14.71 2.30 -14.93
HN23 NCO R . 14.78 2.15 -16.62
HN31 NCO R . 16.50 -0.04 -17.78
HN32 NCO R . 16.26 1.63 -18.01
HN33 NCO R . 17.84 1.00 -17.92
HN41 NCO R . 18.34 3.24 -15.44
HN42 NCO R . 17.44 3.29 -16.88
HN43 NCO R . 16.70 3.70 -15.41
HN51 NCO R . 16.63 0.59 -13.15
HN52 NCO R . 17.78 1.82 -13.33
HN53 NCO R . 16.13 2.19 -13.40
HN61 NCO R . 16.46 -1.24 -16.22
HN62 NCO R . 16.97 -1.15 -14.60
HN63 NCO R . 15.37 -0.77 -15.01
CO NCO S . -3.21 1.52 8.59
CO NCO S . -2.54 0.26 8.89
N1 NCO S . -3.84 1.98 6.78
N1 NCO S . -1.84 2.01 8.28
N2 NCO S . -2.60 1.04 10.42
N2 NCO S . -3.24 -1.50 9.51
N3 NCO S . -5.08 1.05 9.10
N3 NCO S . -2.46 -0.41 7.03
N4 NCO S . -3.49 3.40 9.15
N4 NCO S . -4.39 0.89 8.60
N5 NCO S . -1.35 1.96 8.09
N5 NCO S . -2.61 0.96 10.75
N6 NCO S . -2.94 -0.36 8.00
N6 NCO S . -0.68 -0.38 9.21
HN11 NCO S . -3.79 1.14 6.16
HN11 NCO S . -0.80 2.00 8.33
HN12 NCO S . -4.83 2.32 6.82
HN12 NCO S . -2.14 2.17 7.30
HN13 NCO S . -3.25 2.74 6.39
HN13 NCO S . -2.22 2.76 8.89
HN21 NCO S . -2.36 0.03 10.45
HN21 NCO S . -2.44 -2.09 9.81
HN22 NCO S . -1.77 1.61 10.65
HN22 NCO S . -3.88 -1.35 10.31
HN23 NCO S . -3.36 1.24 11.09
HN23 NCO S . -3.75 -1.95 8.74
HN31 NCO S . -5.21 0.03 9.00
HN31 NCO S . -1.54 -0.86 6.86
HN32 NCO S . -5.24 1.34 10.09
HN32 NCO S . -3.21 -1.12 6.88
HN33 NCO S . -5.74 1.56 8.48
HN33 NCO S . -2.58 0.38 6.37
HN41 NCO S . -3.43 4.02 8.33
HN41 NCO S . -4.91 0.88 9.50
HN42 NCO S . -4.42 3.49 9.60
HN42 NCO S . -4.38 1.85 8.21
HN43 NCO S . -2.75 3.65 9.84
HN43 NCO S . -4.87 0.25 7.92
HN51 NCO S . -0.86 1.09 7.78
HN51 NCO S . -1.69 0.80 11.21
HN52 NCO S . -1.35 2.65 7.32
HN52 NCO S . -2.81 1.98 10.73
HN53 NCO S . -0.85 2.35 8.92
HN53 NCO S . -3.35 0.46 11.28
HN61 NCO S . -3.15 -0.43 6.99
HN61 NCO S . -0.03 0.42 9.10
HN62 NCO S . -1.95 -0.63 8.17
HN62 NCO S . -0.61 -0.76 10.18
HN63 NCO S . -3.58 -0.99 8.54
HN63 NCO S . -0.45 -1.12 8.53
SR SR T . -36.36 -9.60 29.47
SR SR T . -37.68 -10.52 31.06
SR SR T . -37.28 -11.38 31.22
SR SR U . -57.16 -11.54 56.07
SR SR U . -56.85 -12.16 56.20
SR SR U . -55.53 -10.50 54.64
SR SR V . -44.62 -13.40 50.17
SR SR W . -26.65 -12.27 24.93
CO NCO X . -46.65 -0.79 64.72
CO NCO X . -46.06 -2.01 65.02
N1 NCO X . -44.83 -0.24 64.17
N1 NCO X . -44.18 -2.64 65.10
N2 NCO X . -48.47 -1.35 65.27
N2 NCO X . -47.94 -1.40 64.94
N3 NCO X . -47.34 -0.44 62.90
N3 NCO X . -46.15 -2.57 63.12
N4 NCO X . -47.04 1.07 65.25
N4 NCO X . -45.43 -0.23 64.46
N5 NCO X . -45.97 -1.14 66.56
N5 NCO X . -45.95 -1.46 66.91
N6 NCO X . -46.23 -2.67 64.20
N6 NCO X . -46.68 -3.81 65.58
HN11 NCO X . -44.30 -1.06 63.82
HN11 NCO X . -44.16 -3.64 65.40
HN12 NCO X . -44.89 0.48 63.42
HN12 NCO X . -43.75 -2.56 64.16
HN13 NCO X . -44.32 0.17 64.99
HN13 NCO X . -43.65 -2.06 65.78
HN21 NCO X . -48.56 -2.39 65.20
HN21 NCO X . -48.57 -2.18 65.23
HN22 NCO X . -48.64 -1.07 66.27
HN22 NCO X . -48.07 -0.59 65.59
HN23 NCO X . -49.18 -0.90 64.65
HN23 NCO X . -48.17 -1.10 63.98
HN31 NCO X . -47.23 -1.28 62.31
HN31 NCO X . -46.47 -3.56 63.06
HN32 NCO X . -48.34 -0.17 62.96
HN32 NCO X . -46.82 -1.96 62.60
HN33 NCO X . -46.80 0.35 62.47
HN33 NCO X . -45.21 -2.48 62.68
HN41 NCO X . -46.21 1.47 65.75
HN41 NCO X . -44.39 -0.19 64.50
HN42 NCO X . -47.22 1.64 64.40
HN42 NCO X . -45.75 -0.03 63.48
HN43 NCO X . -47.86 1.09 65.88
HN43 NCO X . -45.82 0.50 65.10
HN51 NCO X . -45.66 -2.12 66.63
HN51 NCO X . -46.19 -2.27 67.53
HN52 NCO X . -45.17 -0.51 66.75
HN52 NCO X . -44.99 -1.14 67.13
HN53 NCO X . -46.73 -0.96 67.25
HN53 NCO X . -46.63 -0.68 67.09
HN61 NCO X . -45.21 -2.81 64.20
HN61 NCO X . -45.96 -4.52 65.32
HN62 NCO X . -46.67 -3.32 64.89
HN62 NCO X . -46.82 -3.82 66.61
HN63 NCO X . -46.61 -2.86 63.25
HN63 NCO X . -47.57 -4.03 65.10
SR SR Y . -13.73 -9.39 0.06
SR SR Y . -12.17 -8.33 -1.46
SR SR Y . -13.45 -9.97 0.23
SR SR Z . 6.24 -9.04 -24.85
SR SR Z . 5.85 -8.24 -24.45
#